data_8OHE
#
_entry.id   8OHE
#
_cell.length_a   118.880
_cell.length_b   39.230
_cell.length_c   68.200
_cell.angle_alpha   90.000
_cell.angle_beta   95.310
_cell.angle_gamma   90.000
#
_symmetry.space_group_name_H-M   'C 1 2 1'
#
loop_
_entity.id
_entity.type
_entity.pdbx_description
1 polymer 'Cyclic di-AMP synthase CdaA'
2 non-polymer N-(3-fluorophenyl)-2-(2-methoxyethoxy)acetamide
3 non-polymer 'MAGNESIUM ION'
4 water water
#
_entity_poly.entity_id   1
_entity_poly.type   'polypeptide(L)'
_entity_poly.pdbx_seq_one_letter_code
;GPTPVEEAQQKTIEAITKAINYMAKRRIGALLTIERDTGMGDYIETGIPLNAKVSSELLINIFIPNTPLHDGAVIMKNNE
IAAAACYLPLSESPFISKELGTRHRAAVGISEVTDSLTIIVSEETGGVSVAKNGDLHRELTEEALKEMLEAEFK
;
_entity_poly.pdbx_strand_id   A,B
#
# COMPACT_ATOMS: atom_id res chain seq x y z
N THR A 3 1.68 28.00 -6.84
CA THR A 3 1.31 27.95 -5.45
C THR A 3 1.48 26.53 -4.89
N PRO A 4 1.49 26.44 -3.55
CA PRO A 4 1.51 25.08 -2.96
C PRO A 4 0.40 24.12 -3.40
N VAL A 5 -0.83 24.62 -3.51
CA VAL A 5 -1.96 23.80 -3.94
C VAL A 5 -1.73 23.32 -5.37
N GLU A 6 -1.20 24.20 -6.21
CA GLU A 6 -0.91 23.87 -7.60
C GLU A 6 0.23 22.86 -7.69
N GLU A 7 1.30 23.06 -6.91
CA GLU A 7 2.40 22.12 -6.92
C GLU A 7 1.95 20.75 -6.45
N ALA A 8 1.07 20.71 -5.45
CA ALA A 8 0.61 19.42 -4.93
C ALA A 8 -0.25 18.69 -5.98
N GLN A 9 -1.10 19.44 -6.69
CA GLN A 9 -1.92 18.80 -7.72
C GLN A 9 -1.05 18.23 -8.84
N GLN A 10 -0.02 18.98 -9.25
CA GLN A 10 0.86 18.48 -10.30
C GLN A 10 1.63 17.25 -9.82
N LYS A 11 2.09 17.24 -8.56
CA LYS A 11 2.80 16.07 -8.07
C LYS A 11 1.90 14.84 -8.09
N THR A 12 0.62 15.01 -7.75
CA THR A 12 -0.31 13.88 -7.76
C THR A 12 -0.56 13.38 -9.17
N ILE A 13 -0.73 14.30 -10.13
CA ILE A 13 -0.88 13.89 -11.51
C ILE A 13 0.33 13.10 -11.97
N GLU A 14 1.52 13.57 -11.62
CA GLU A 14 2.73 12.85 -12.04
C GLU A 14 2.78 11.47 -11.40
N ALA A 15 2.41 11.36 -10.13
CA ALA A 15 2.43 10.06 -9.47
C ALA A 15 1.47 9.10 -10.15
N ILE A 16 0.26 9.58 -10.45
CA ILE A 16 -0.73 8.74 -11.13
C ILE A 16 -0.22 8.29 -12.49
N THR A 17 0.27 9.23 -13.30
CA THR A 17 0.65 8.84 -14.66
C THR A 17 1.81 7.85 -14.64
N LYS A 18 2.75 8.03 -13.70
CA LYS A 18 3.86 7.09 -13.59
C LYS A 18 3.36 5.70 -13.22
N ALA A 19 2.42 5.61 -12.29
CA ALA A 19 1.88 4.29 -11.93
C ALA A 19 1.13 3.67 -13.09
N ILE A 20 0.30 4.46 -13.77
CA ILE A 20 -0.47 3.95 -14.90
C ILE A 20 0.47 3.44 -15.99
N ASN A 21 1.55 4.18 -16.27
N ASN A 21 1.54 4.19 -16.28
CA ASN A 21 2.49 3.72 -17.30
CA ASN A 21 2.50 3.72 -17.28
C ASN A 21 3.08 2.36 -16.93
C ASN A 21 3.05 2.35 -16.93
N TYR A 22 3.45 2.17 -15.67
CA TYR A 22 4.02 0.89 -15.22
C TYR A 22 3.01 -0.22 -15.43
N MET A 23 1.77 0.01 -15.03
CA MET A 23 0.75 -1.03 -15.15
C MET A 23 0.36 -1.30 -16.59
N ALA A 24 0.30 -0.26 -17.42
CA ALA A 24 0.01 -0.48 -18.83
C ALA A 24 1.07 -1.37 -19.47
N LYS A 25 2.35 -1.10 -19.17
CA LYS A 25 3.44 -1.89 -19.74
C LYS A 25 3.36 -3.36 -19.36
N ARG A 26 2.94 -3.64 -18.13
CA ARG A 26 2.89 -4.99 -17.60
C ARG A 26 1.51 -5.61 -17.73
N ARG A 27 0.54 -4.88 -18.27
CA ARG A 27 -0.83 -5.36 -18.41
C ARG A 27 -1.38 -5.81 -17.06
N ILE A 28 -1.20 -4.94 -16.08
CA ILE A 28 -1.77 -5.12 -14.76
C ILE A 28 -3.10 -4.36 -14.74
N GLY A 29 -4.20 -5.08 -14.52
CA GLY A 29 -5.49 -4.43 -14.44
C GLY A 29 -5.57 -3.48 -13.25
N ALA A 30 -6.20 -2.33 -13.47
CA ALA A 30 -6.26 -1.33 -12.42
C ALA A 30 -7.51 -0.50 -12.59
N LEU A 31 -8.00 0.03 -11.47
CA LEU A 31 -9.22 0.82 -11.44
C LEU A 31 -9.02 1.89 -10.39
N LEU A 32 -8.98 3.15 -10.81
CA LEU A 32 -8.62 4.27 -9.94
C LEU A 32 -9.62 5.39 -10.16
N THR A 33 -10.45 5.66 -9.16
CA THR A 33 -11.49 6.68 -9.25
C THR A 33 -11.08 7.88 -8.43
N ILE A 34 -11.21 9.07 -9.00
CA ILE A 34 -10.87 10.31 -8.33
C ILE A 34 -12.18 11.02 -8.02
N GLU A 35 -12.50 11.12 -6.73
CA GLU A 35 -13.71 11.81 -6.30
C GLU A 35 -13.60 13.28 -6.63
N ARG A 36 -14.73 13.86 -7.05
CA ARG A 36 -14.81 15.27 -7.41
C ARG A 36 -15.86 15.91 -6.51
N ASP A 37 -16.87 16.58 -7.06
CA ASP A 37 -17.85 17.28 -6.23
C ASP A 37 -18.90 16.35 -5.66
N THR A 38 -19.21 15.26 -6.34
CA THR A 38 -20.17 14.29 -5.80
C THR A 38 -19.47 13.42 -4.77
N GLY A 39 -19.99 13.40 -3.55
CA GLY A 39 -19.35 12.61 -2.51
C GLY A 39 -19.49 11.12 -2.77
N MET A 40 -18.42 10.40 -2.48
CA MET A 40 -18.37 8.96 -2.71
C MET A 40 -18.09 8.20 -1.44
N GLY A 41 -18.45 8.77 -0.30
CA GLY A 41 -18.20 8.11 0.96
C GLY A 41 -18.81 6.73 1.05
N ASP A 42 -19.99 6.54 0.46
CA ASP A 42 -20.65 5.24 0.54
C ASP A 42 -19.82 4.15 -0.14
N TYR A 43 -19.15 4.51 -1.23
CA TYR A 43 -18.27 3.55 -1.92
C TYR A 43 -16.92 3.42 -1.22
N ILE A 44 -16.37 4.52 -0.73
CA ILE A 44 -15.12 4.45 0.03
C ILE A 44 -15.26 3.47 1.19
N GLU A 45 -16.42 3.49 1.85
CA GLU A 45 -16.64 2.67 3.02
C GLU A 45 -16.67 1.18 2.71
N THR A 46 -16.82 0.80 1.43
CA THR A 46 -16.84 -0.62 1.10
C THR A 46 -15.45 -1.23 1.01
N GLY A 47 -14.40 -0.41 0.96
CA GLY A 47 -13.05 -0.90 0.79
C GLY A 47 -12.25 -0.93 2.07
N ILE A 48 -10.95 -1.11 1.89
CA ILE A 48 -10.01 -1.12 3.00
C ILE A 48 -9.52 0.31 3.21
N PRO A 49 -9.71 0.90 4.39
CA PRO A 49 -9.26 2.27 4.61
C PRO A 49 -7.75 2.38 4.54
N LEU A 50 -7.28 3.40 3.82
CA LEU A 50 -5.87 3.76 3.75
C LEU A 50 -5.61 5.18 4.21
N ASN A 51 -6.34 6.16 3.69
CA ASN A 51 -6.02 7.58 3.94
C ASN A 51 -4.54 7.86 3.84
N ALA A 52 -3.97 7.44 2.72
CA ALA A 52 -2.54 7.44 2.52
C ALA A 52 -2.12 8.55 1.57
N LYS A 53 -0.90 9.02 1.76
CA LYS A 53 -0.28 9.91 0.78
C LYS A 53 -0.17 9.20 -0.55
N VAL A 54 -0.40 9.95 -1.63
CA VAL A 54 -0.24 9.39 -2.96
C VAL A 54 1.23 9.23 -3.29
N SER A 55 1.59 8.11 -3.89
CA SER A 55 2.89 7.93 -4.50
C SER A 55 2.69 6.95 -5.64
N SER A 56 3.55 7.04 -6.66
CA SER A 56 3.46 6.05 -7.73
C SER A 56 3.76 4.66 -7.18
N GLU A 57 4.67 4.58 -6.22
CA GLU A 57 5.05 3.31 -5.61
C GLU A 57 3.87 2.66 -4.92
N LEU A 58 3.14 3.40 -4.09
CA LEU A 58 2.01 2.80 -3.40
C LEU A 58 0.91 2.39 -4.39
N LEU A 59 0.62 3.23 -5.39
CA LEU A 59 -0.37 2.84 -6.39
C LEU A 59 0.02 1.53 -7.06
N ILE A 60 1.28 1.40 -7.46
CA ILE A 60 1.72 0.14 -8.09
C ILE A 60 1.58 -1.03 -7.13
N ASN A 61 2.05 -0.88 -5.88
CA ASN A 61 1.97 -1.97 -4.92
C ASN A 61 0.53 -2.40 -4.66
N ILE A 62 -0.41 -1.48 -4.72
CA ILE A 62 -1.81 -1.82 -4.45
C ILE A 62 -2.34 -2.79 -5.52
N PHE A 63 -2.03 -2.54 -6.79
CA PHE A 63 -2.64 -3.26 -7.90
C PHE A 63 -1.88 -4.52 -8.32
N ILE A 64 -0.85 -4.93 -7.60
CA ILE A 64 -0.16 -6.16 -8.04
C ILE A 64 -1.14 -7.33 -8.05
N PRO A 65 -1.13 -8.15 -9.10
CA PRO A 65 -2.12 -9.22 -9.18
C PRO A 65 -1.94 -10.22 -8.04
N ASN A 66 -3.05 -10.83 -7.64
CA ASN A 66 -3.04 -11.89 -6.63
C ASN A 66 -2.61 -11.39 -5.25
N THR A 67 -2.92 -10.15 -4.93
CA THR A 67 -2.61 -9.57 -3.64
C THR A 67 -3.91 -9.14 -2.98
N PRO A 68 -3.90 -8.89 -1.67
CA PRO A 68 -5.18 -8.53 -1.01
C PRO A 68 -5.86 -7.29 -1.59
N LEU A 69 -5.12 -6.29 -2.05
CA LEU A 69 -5.73 -5.00 -2.35
C LEU A 69 -6.07 -4.80 -3.82
N HIS A 70 -5.71 -5.74 -4.69
CA HIS A 70 -5.79 -5.49 -6.12
C HIS A 70 -7.22 -5.62 -6.66
N ASP A 71 -8.15 -6.23 -5.92
CA ASP A 71 -9.50 -6.52 -6.40
C ASP A 71 -10.43 -5.37 -6.00
N GLY A 72 -10.85 -4.59 -6.96
CA GLY A 72 -11.70 -3.46 -6.67
C GLY A 72 -10.99 -2.15 -7.00
N ALA A 73 -11.65 -1.07 -6.66
CA ALA A 73 -11.17 0.25 -7.03
C ALA A 73 -10.41 0.93 -5.91
N VAL A 74 -9.37 1.65 -6.27
CA VAL A 74 -8.81 2.68 -5.42
C VAL A 74 -9.65 3.93 -5.62
N ILE A 75 -10.00 4.59 -4.52
CA ILE A 75 -10.70 5.87 -4.58
C ILE A 75 -9.82 6.92 -3.92
N MET A 76 -9.54 7.99 -4.67
CA MET A 76 -8.74 9.10 -4.20
C MET A 76 -9.68 10.25 -3.85
N LYS A 77 -9.36 10.97 -2.79
CA LYS A 77 -10.18 12.06 -2.29
C LYS A 77 -9.25 13.01 -1.57
N ASN A 78 -9.37 14.30 -1.82
CA ASN A 78 -8.57 15.32 -1.14
C ASN A 78 -7.08 15.03 -1.20
N ASN A 79 -6.61 14.63 -2.38
CA ASN A 79 -5.18 14.42 -2.67
C ASN A 79 -4.58 13.27 -1.87
N GLU A 80 -5.39 12.31 -1.46
CA GLU A 80 -4.93 11.13 -0.75
C GLU A 80 -5.63 9.92 -1.33
N ILE A 81 -5.07 8.74 -1.09
CA ILE A 81 -5.72 7.48 -1.41
C ILE A 81 -6.63 7.16 -0.22
N ALA A 82 -7.95 7.32 -0.39
CA ALA A 82 -8.87 7.11 0.73
C ALA A 82 -8.97 5.63 1.08
N ALA A 83 -9.15 4.78 0.07
CA ALA A 83 -9.34 3.37 0.32
C ALA A 83 -9.01 2.60 -0.95
N ALA A 84 -8.75 1.31 -0.78
CA ALA A 84 -8.50 0.39 -1.87
C ALA A 84 -9.51 -0.76 -1.81
N ALA A 85 -9.59 -1.51 -2.90
CA ALA A 85 -10.47 -2.66 -2.96
C ALA A 85 -11.93 -2.27 -2.72
N CYS A 86 -12.34 -1.14 -3.29
CA CYS A 86 -13.69 -0.65 -3.11
C CYS A 86 -14.62 -1.20 -4.19
N TYR A 87 -15.89 -1.31 -3.83
CA TYR A 87 -16.95 -1.66 -4.78
C TYR A 87 -17.35 -0.42 -5.56
N LEU A 88 -17.57 -0.59 -6.86
CA LEU A 88 -18.21 0.42 -7.69
C LEU A 88 -19.37 -0.25 -8.40
N PRO A 89 -20.44 0.48 -8.69
CA PRO A 89 -21.59 -0.14 -9.36
C PRO A 89 -21.32 -0.44 -10.82
N LEU A 90 -21.79 -1.60 -11.28
CA LEU A 90 -21.59 -2.00 -12.67
C LEU A 90 -22.60 -1.32 -13.58
N SER A 91 -22.10 -0.67 -14.63
CA SER A 91 -22.99 -0.07 -15.62
C SER A 91 -23.76 -1.15 -16.36
N GLU A 92 -25.00 -0.82 -16.72
CA GLU A 92 -25.81 -1.65 -17.61
C GLU A 92 -25.88 -1.04 -19.00
N SER A 93 -25.02 -0.08 -19.30
CA SER A 93 -25.08 0.58 -20.59
C SER A 93 -24.83 -0.43 -21.70
N PRO A 94 -25.66 -0.45 -22.75
CA PRO A 94 -25.41 -1.34 -23.89
C PRO A 94 -24.38 -0.82 -24.86
N PHE A 95 -23.75 0.33 -24.55
CA PHE A 95 -22.88 1.03 -25.49
C PHE A 95 -21.41 0.96 -25.09
N ILE A 96 -21.06 0.08 -24.18
CA ILE A 96 -19.68 -0.23 -23.83
C ILE A 96 -19.24 -1.33 -24.77
N SER A 97 -18.02 -1.21 -25.29
CA SER A 97 -17.47 -2.24 -26.17
C SER A 97 -17.64 -3.61 -25.54
N LYS A 98 -18.15 -4.56 -26.32
CA LYS A 98 -18.53 -5.86 -25.77
C LYS A 98 -17.32 -6.69 -25.35
N GLU A 99 -16.13 -6.33 -25.80
CA GLU A 99 -14.95 -7.08 -25.41
C GLU A 99 -14.42 -6.70 -24.03
N LEU A 100 -15.01 -5.71 -23.38
CA LEU A 100 -14.54 -5.23 -22.09
C LEU A 100 -15.29 -5.89 -20.95
N GLY A 101 -14.58 -6.04 -19.84
CA GLY A 101 -15.10 -6.75 -18.69
C GLY A 101 -15.51 -5.86 -17.53
N THR A 102 -15.46 -6.44 -16.33
CA THR A 102 -16.14 -5.81 -15.21
C THR A 102 -15.43 -4.56 -14.72
N ARG A 103 -14.10 -4.48 -14.83
CA ARG A 103 -13.42 -3.26 -14.41
C ARG A 103 -13.95 -2.05 -15.17
N HIS A 104 -14.07 -2.19 -16.49
CA HIS A 104 -14.56 -1.09 -17.30
C HIS A 104 -16.02 -0.80 -17.02
N ARG A 105 -16.83 -1.84 -16.83
CA ARG A 105 -18.24 -1.61 -16.52
C ARG A 105 -18.40 -0.94 -15.16
N ALA A 106 -17.53 -1.29 -14.19
CA ALA A 106 -17.55 -0.62 -12.89
C ALA A 106 -17.17 0.85 -13.01
N ALA A 107 -16.15 1.15 -13.81
CA ALA A 107 -15.76 2.54 -14.01
C ALA A 107 -16.89 3.34 -14.66
N VAL A 108 -17.48 2.80 -15.72
CA VAL A 108 -18.57 3.54 -16.36
C VAL A 108 -19.72 3.70 -15.38
N GLY A 109 -20.00 2.65 -14.60
CA GLY A 109 -21.07 2.68 -13.63
C GLY A 109 -20.94 3.81 -12.62
N ILE A 110 -19.77 3.95 -12.00
CA ILE A 110 -19.63 5.05 -11.05
C ILE A 110 -19.72 6.39 -11.78
N SER A 111 -19.24 6.47 -13.02
CA SER A 111 -19.29 7.73 -13.77
C SER A 111 -20.70 8.14 -14.16
N GLU A 112 -21.66 7.21 -14.09
CA GLU A 112 -23.05 7.52 -14.43
C GLU A 112 -23.77 8.23 -13.31
N VAL A 113 -23.25 8.14 -12.08
CA VAL A 113 -23.96 8.63 -10.90
C VAL A 113 -23.11 9.57 -10.07
N THR A 114 -21.94 9.95 -10.59
CA THR A 114 -21.08 10.91 -9.95
C THR A 114 -20.37 11.71 -11.03
N ASP A 115 -19.74 12.82 -10.63
CA ASP A 115 -18.89 13.59 -11.52
C ASP A 115 -17.43 13.15 -11.43
N SER A 116 -17.17 11.94 -10.95
CA SER A 116 -15.80 11.50 -10.74
C SER A 116 -15.13 11.18 -12.09
N LEU A 117 -13.80 11.02 -12.03
CA LEU A 117 -13.00 10.59 -13.17
C LEU A 117 -12.36 9.26 -12.78
N THR A 118 -12.58 8.22 -13.58
CA THR A 118 -11.99 6.91 -13.29
C THR A 118 -11.03 6.54 -14.40
N ILE A 119 -9.86 6.03 -14.02
CA ILE A 119 -8.86 5.51 -14.92
C ILE A 119 -8.90 4.00 -14.83
N ILE A 120 -8.84 3.32 -15.98
CA ILE A 120 -8.83 1.86 -16.06
C ILE A 120 -7.62 1.44 -16.87
N VAL A 121 -6.89 0.45 -16.37
CA VAL A 121 -5.89 -0.26 -17.18
C VAL A 121 -6.40 -1.66 -17.44
N SER A 122 -6.39 -2.06 -18.71
CA SER A 122 -6.86 -3.39 -19.08
C SER A 122 -5.82 -4.46 -18.77
N GLU A 123 -6.27 -5.53 -18.13
CA GLU A 123 -5.39 -6.67 -17.92
C GLU A 123 -5.18 -7.44 -19.20
N GLU A 124 -6.04 -7.25 -20.19
CA GLU A 124 -5.91 -8.01 -21.43
C GLU A 124 -4.90 -7.37 -22.36
N THR A 125 -4.87 -6.04 -22.44
CA THR A 125 -4.07 -5.35 -23.42
C THR A 125 -3.13 -4.31 -22.84
N GLY A 126 -3.30 -3.94 -21.57
CA GLY A 126 -2.63 -2.77 -21.03
C GLY A 126 -3.15 -1.45 -21.56
N GLY A 127 -4.21 -1.45 -22.35
CA GLY A 127 -4.79 -0.19 -22.79
C GLY A 127 -5.35 0.60 -21.63
N VAL A 128 -5.26 1.92 -21.76
CA VAL A 128 -5.67 2.85 -20.72
C VAL A 128 -6.91 3.58 -21.19
N SER A 129 -7.91 3.65 -20.33
CA SER A 129 -9.14 4.35 -20.63
C SER A 129 -9.57 5.18 -19.45
N VAL A 130 -10.50 6.10 -19.69
CA VAL A 130 -11.06 6.96 -18.65
C VAL A 130 -12.57 6.97 -18.78
N ALA A 131 -13.27 6.83 -17.67
CA ALA A 131 -14.72 6.95 -17.61
C ALA A 131 -15.10 8.25 -16.94
N LYS A 132 -16.03 8.96 -17.56
CA LYS A 132 -16.57 10.20 -17.05
C LYS A 132 -17.94 10.39 -17.69
N ASN A 133 -18.90 10.81 -16.89
CA ASN A 133 -20.22 11.21 -17.38
C ASN A 133 -20.96 10.07 -18.07
N GLY A 134 -20.60 8.83 -17.82
CA GLY A 134 -21.25 7.72 -18.47
C GLY A 134 -20.59 7.21 -19.74
N ASP A 135 -19.51 7.84 -20.16
CA ASP A 135 -18.80 7.45 -21.35
C ASP A 135 -17.40 6.96 -21.01
N LEU A 136 -16.91 6.04 -21.83
CA LEU A 136 -15.59 5.48 -21.71
C LEU A 136 -14.77 5.97 -22.89
N HIS A 137 -13.64 6.59 -22.59
CA HIS A 137 -12.69 7.08 -23.58
C HIS A 137 -11.51 6.12 -23.64
N ARG A 138 -11.38 5.41 -24.75
CA ARG A 138 -10.50 4.26 -24.83
C ARG A 138 -9.19 4.59 -25.52
N GLU A 139 -8.22 3.70 -25.30
CA GLU A 139 -6.96 3.69 -26.04
C GLU A 139 -6.28 5.05 -25.97
N LEU A 140 -6.11 5.51 -24.76
CA LEU A 140 -5.49 6.80 -24.52
C LEU A 140 -3.97 6.70 -24.59
N THR A 141 -3.35 7.76 -25.10
CA THR A 141 -1.92 7.96 -24.95
C THR A 141 -1.64 8.58 -23.57
N GLU A 142 -0.36 8.56 -23.19
CA GLU A 142 0.04 9.25 -21.97
C GLU A 142 -0.36 10.72 -22.00
N GLU A 143 -0.15 11.37 -23.15
CA GLU A 143 -0.48 12.80 -23.26
C GLU A 143 -1.98 13.03 -23.09
N ALA A 144 -2.80 12.14 -23.66
CA ALA A 144 -4.25 12.25 -23.52
C ALA A 144 -4.67 12.12 -22.06
N LEU A 145 -4.15 11.12 -21.35
CA LEU A 145 -4.52 10.96 -19.95
C LEU A 145 -4.11 12.18 -19.14
N LYS A 146 -2.88 12.68 -19.35
CA LYS A 146 -2.45 13.88 -18.63
C LYS A 146 -3.39 15.05 -18.90
N GLU A 147 -3.77 15.24 -20.17
CA GLU A 147 -4.68 16.34 -20.52
C GLU A 147 -6.01 16.20 -19.78
N MET A 148 -6.51 14.97 -19.65
CA MET A 148 -7.76 14.75 -18.93
C MET A 148 -7.59 15.05 -17.45
N LEU A 149 -6.48 14.60 -16.85
CA LEU A 149 -6.26 14.90 -15.44
C LEU A 149 -6.14 16.40 -15.21
N GLU A 150 -5.42 17.11 -16.08
CA GLU A 150 -5.27 18.56 -15.89
C GLU A 150 -6.59 19.27 -16.14
N ALA A 151 -7.38 18.79 -17.11
CA ALA A 151 -8.67 19.42 -17.36
C ALA A 151 -9.60 19.21 -16.18
N GLU A 152 -9.52 18.03 -15.58
CA GLU A 152 -10.36 17.70 -14.44
C GLU A 152 -10.03 18.60 -13.26
N PRO B 2 -12.56 -1.59 27.65
CA PRO B 2 -11.26 -1.14 27.11
C PRO B 2 -11.44 0.27 26.57
N THR B 3 -10.43 1.12 26.69
CA THR B 3 -10.56 2.45 26.09
C THR B 3 -10.44 2.35 24.57
N PRO B 4 -10.83 3.40 23.85
CA PRO B 4 -10.58 3.40 22.40
C PRO B 4 -9.10 3.22 22.05
N VAL B 5 -8.20 3.84 22.81
CA VAL B 5 -6.77 3.64 22.58
C VAL B 5 -6.41 2.17 22.69
N GLU B 6 -6.92 1.50 23.73
CA GLU B 6 -6.62 0.08 23.89
C GLU B 6 -7.23 -0.75 22.76
N GLU B 7 -8.45 -0.42 22.34
CA GLU B 7 -9.06 -1.15 21.24
C GLU B 7 -8.29 -0.94 19.95
N ALA B 8 -7.85 0.29 19.69
CA ALA B 8 -7.07 0.55 18.49
C ALA B 8 -5.77 -0.24 18.52
N GLN B 9 -5.12 -0.28 19.68
CA GLN B 9 -3.88 -1.05 19.78
C GLN B 9 -4.13 -2.50 19.46
N GLN B 10 -5.24 -3.07 19.97
CA GLN B 10 -5.55 -4.46 19.68
C GLN B 10 -5.79 -4.68 18.20
N LYS B 11 -6.48 -3.74 17.54
CA LYS B 11 -6.75 -3.84 16.10
C LYS B 11 -5.43 -3.83 15.33
N THR B 12 -4.49 -2.99 15.76
CA THR B 12 -3.20 -2.88 15.09
C THR B 12 -2.38 -4.15 15.28
N ILE B 13 -2.38 -4.70 16.50
CA ILE B 13 -1.67 -5.96 16.75
C ILE B 13 -2.26 -7.08 15.89
N GLU B 14 -3.58 -7.13 15.79
CA GLU B 14 -4.22 -8.18 14.98
C GLU B 14 -3.83 -8.04 13.51
N ALA B 15 -3.79 -6.79 13.01
CA ALA B 15 -3.38 -6.57 11.63
C ALA B 15 -1.95 -7.00 11.39
N ILE B 16 -1.04 -6.66 12.31
CA ILE B 16 0.35 -7.02 12.14
C ILE B 16 0.53 -8.53 12.16
N THR B 17 -0.08 -9.20 13.16
CA THR B 17 0.12 -10.64 13.28
C THR B 17 -0.46 -11.38 12.08
N LYS B 18 -1.62 -10.93 11.57
CA LYS B 18 -2.19 -11.56 10.39
C LYS B 18 -1.26 -11.41 9.19
N ALA B 19 -0.68 -10.21 9.03
CA ALA B 19 0.22 -10.02 7.90
C ALA B 19 1.48 -10.86 8.04
N ILE B 20 2.08 -10.86 9.24
CA ILE B 20 3.31 -11.62 9.45
C ILE B 20 3.06 -13.10 9.20
N ASN B 21 1.95 -13.64 9.70
CA ASN B 21 1.61 -15.04 9.50
C ASN B 21 1.50 -15.37 8.01
N TYR B 22 0.82 -14.50 7.25
CA TYR B 22 0.67 -14.69 5.82
C TYR B 22 2.04 -14.72 5.13
N MET B 23 2.90 -13.78 5.46
CA MET B 23 4.19 -13.68 4.80
C MET B 23 5.11 -14.83 5.21
N ALA B 24 5.08 -15.21 6.49
CA ALA B 24 5.89 -16.33 6.95
C ALA B 24 5.55 -17.60 6.17
N LYS B 25 4.25 -17.89 6.00
CA LYS B 25 3.83 -19.09 5.29
C LYS B 25 4.33 -19.11 3.85
N ARG B 26 4.45 -17.94 3.24
CA ARG B 26 4.82 -17.81 1.84
C ARG B 26 6.27 -17.43 1.64
N ARG B 27 7.05 -17.37 2.73
CA ARG B 27 8.47 -17.03 2.63
C ARG B 27 8.64 -15.67 1.96
N ILE B 28 7.76 -14.73 2.29
CA ILE B 28 7.86 -13.34 1.83
C ILE B 28 8.69 -12.59 2.86
N GLY B 29 9.88 -12.15 2.46
CA GLY B 29 10.73 -11.41 3.38
C GLY B 29 10.09 -10.09 3.78
N ALA B 30 10.28 -9.72 5.04
CA ALA B 30 9.64 -8.52 5.53
C ALA B 30 10.44 -7.96 6.68
N LEU B 31 10.37 -6.65 6.84
CA LEU B 31 11.14 -5.94 7.85
C LEU B 31 10.23 -4.82 8.32
N LEU B 32 9.75 -4.91 9.56
CA LEU B 32 8.70 -4.04 10.08
C LEU B 32 9.11 -3.52 11.45
N THR B 33 9.37 -2.23 11.54
CA THR B 33 9.84 -1.61 12.78
C THR B 33 8.72 -0.79 13.37
N ILE B 34 8.45 -0.99 14.65
CA ILE B 34 7.43 -0.28 15.38
C ILE B 34 8.13 0.75 16.26
N GLU B 35 7.94 2.03 15.95
CA GLU B 35 8.51 3.09 16.78
C GLU B 35 7.89 3.04 18.17
N ARG B 36 8.72 3.28 19.19
CA ARG B 36 8.24 3.34 20.57
C ARG B 36 8.52 4.75 21.08
N ASP B 37 9.28 4.90 22.16
CA ASP B 37 9.46 6.24 22.71
C ASP B 37 10.63 7.00 22.08
N THR B 38 11.59 6.31 21.48
CA THR B 38 12.66 6.99 20.76
C THR B 38 12.18 7.30 19.35
N GLY B 39 12.11 8.58 19.00
CA GLY B 39 11.58 8.95 17.71
C GLY B 39 12.50 8.48 16.60
N MET B 40 11.89 8.08 15.49
CA MET B 40 12.65 7.53 14.38
C MET B 40 12.46 8.35 13.11
N GLY B 41 12.16 9.65 13.27
CA GLY B 41 11.94 10.51 12.12
C GLY B 41 13.05 10.48 11.09
N ASP B 42 14.31 10.42 11.54
CA ASP B 42 15.43 10.42 10.61
C ASP B 42 15.33 9.23 9.64
N TYR B 43 14.89 8.09 10.15
CA TYR B 43 14.79 6.89 9.33
C TYR B 43 13.50 6.90 8.52
N ILE B 44 12.41 7.39 9.11
CA ILE B 44 11.15 7.50 8.37
C ILE B 44 11.34 8.35 7.12
N GLU B 45 12.10 9.44 7.23
CA GLU B 45 12.30 10.37 6.14
C GLU B 45 13.13 9.80 5.00
N THR B 46 13.79 8.65 5.20
CA THR B 46 14.52 8.04 4.10
C THR B 46 13.62 7.22 3.17
N GLY B 47 12.40 6.90 3.59
CA GLY B 47 11.54 6.02 2.83
C GLY B 47 10.51 6.79 2.00
N ILE B 48 9.55 6.04 1.49
CA ILE B 48 8.43 6.64 0.74
C ILE B 48 7.34 6.94 1.75
N PRO B 49 6.88 8.20 1.86
CA PRO B 49 5.85 8.50 2.86
C PRO B 49 4.52 7.84 2.50
N LEU B 50 3.90 7.20 3.49
CA LEU B 50 2.55 6.67 3.37
C LEU B 50 1.59 7.34 4.34
N ASN B 51 1.96 7.43 5.61
CA ASN B 51 1.08 7.94 6.66
C ASN B 51 -0.31 7.31 6.56
N ALA B 52 -0.33 5.99 6.42
CA ALA B 52 -1.54 5.25 6.10
C ALA B 52 -2.10 4.52 7.32
N LYS B 53 -3.40 4.32 7.34
CA LYS B 53 -4.01 3.44 8.31
C LYS B 53 -3.47 2.03 8.17
N VAL B 54 -3.25 1.36 9.31
CA VAL B 54 -2.75 0.00 9.28
C VAL B 54 -3.85 -0.93 8.79
N SER B 55 -3.48 -1.90 7.97
CA SER B 55 -4.31 -3.06 7.71
C SER B 55 -3.37 -4.20 7.37
N SER B 56 -3.85 -5.42 7.59
CA SER B 56 -3.04 -6.58 7.21
C SER B 56 -2.85 -6.59 5.71
N GLU B 57 -3.89 -6.18 4.97
CA GLU B 57 -3.85 -6.16 3.51
C GLU B 57 -2.75 -5.24 3.01
N LEU B 58 -2.67 -4.02 3.57
CA LEU B 58 -1.65 -3.10 3.09
C LEU B 58 -0.25 -3.60 3.45
N LEU B 59 -0.07 -4.10 4.68
CA LEU B 59 1.25 -4.63 5.06
C LEU B 59 1.70 -5.71 4.09
N ILE B 60 0.80 -6.65 3.78
CA ILE B 60 1.14 -7.72 2.83
C ILE B 60 1.49 -7.14 1.47
N ASN B 61 0.63 -6.23 0.95
CA ASN B 61 0.86 -5.67 -0.39
C ASN B 61 2.21 -4.96 -0.45
N ILE B 62 2.66 -4.34 0.66
CA ILE B 62 3.92 -3.60 0.62
C ILE B 62 5.11 -4.53 0.36
N PHE B 63 5.09 -5.71 0.95
CA PHE B 63 6.26 -6.59 0.94
C PHE B 63 6.27 -7.60 -0.21
N ILE B 64 5.29 -7.57 -1.11
CA ILE B 64 5.31 -8.54 -2.21
C ILE B 64 6.63 -8.43 -2.98
N PRO B 65 7.31 -9.52 -3.25
CA PRO B 65 8.60 -9.43 -3.94
C PRO B 65 8.51 -8.68 -5.28
N ASN B 66 9.60 -8.00 -5.61
CA ASN B 66 9.80 -7.39 -6.91
C ASN B 66 8.86 -6.21 -7.17
N THR B 67 8.44 -5.53 -6.11
CA THR B 67 7.58 -4.36 -6.19
C THR B 67 8.30 -3.12 -5.66
N PRO B 68 7.80 -1.92 -5.99
CA PRO B 68 8.53 -0.72 -5.58
C PRO B 68 8.76 -0.61 -4.07
N LEU B 69 7.84 -1.07 -3.24
CA LEU B 69 7.94 -0.82 -1.81
C LEU B 69 8.58 -1.93 -0.99
N HIS B 70 8.97 -3.05 -1.59
CA HIS B 70 9.30 -4.21 -0.77
C HIS B 70 10.68 -4.19 -0.14
N ASP B 71 11.63 -3.43 -0.66
CA ASP B 71 12.99 -3.45 -0.16
C ASP B 71 13.13 -2.32 0.84
N GLY B 72 13.69 -2.60 1.98
CA GLY B 72 13.77 -1.64 3.06
C GLY B 72 12.70 -1.90 4.09
N ALA B 73 12.72 -1.09 5.14
CA ALA B 73 11.82 -1.30 6.26
C ALA B 73 10.54 -0.50 6.13
N VAL B 74 9.46 -1.08 6.61
CA VAL B 74 8.28 -0.33 6.98
C VAL B 74 8.46 0.15 8.39
N ILE B 75 8.18 1.42 8.63
CA ILE B 75 8.20 1.98 9.98
C ILE B 75 6.81 2.41 10.35
N MET B 76 6.31 1.89 11.46
CA MET B 76 5.00 2.22 11.99
C MET B 76 5.11 3.18 13.16
N LYS B 77 4.19 4.12 13.20
CA LYS B 77 4.02 5.01 14.34
C LYS B 77 2.62 4.78 14.86
N ASN B 78 2.52 4.23 16.07
CA ASN B 78 1.25 3.90 16.71
C ASN B 78 0.39 3.10 15.74
N ASN B 79 -0.71 3.67 15.28
CA ASN B 79 -1.66 2.94 14.46
C ASN B 79 -1.56 3.35 13.00
N GLU B 80 -0.38 3.83 12.57
CA GLU B 80 -0.19 4.17 11.16
C GLU B 80 1.09 3.55 10.61
N ILE B 81 1.06 3.27 9.32
CA ILE B 81 2.26 2.96 8.56
C ILE B 81 2.83 4.29 8.10
N ALA B 82 3.93 4.72 8.72
CA ALA B 82 4.47 6.04 8.40
C ALA B 82 5.12 6.05 7.03
N ALA B 83 5.97 5.08 6.75
CA ALA B 83 6.70 5.05 5.50
C ALA B 83 7.15 3.63 5.22
N ALA B 84 7.46 3.36 3.97
CA ALA B 84 7.96 2.08 3.51
C ALA B 84 9.28 2.29 2.78
N ALA B 85 10.02 1.20 2.58
CA ALA B 85 11.30 1.25 1.87
C ALA B 85 12.28 2.18 2.58
N CYS B 86 12.28 2.12 3.90
CA CYS B 86 13.15 2.97 4.69
C CYS B 86 14.51 2.30 4.92
N TYR B 87 15.53 3.15 5.07
CA TYR B 87 16.86 2.72 5.51
C TYR B 87 16.90 2.56 7.02
N LEU B 88 17.57 1.50 7.47
CA LEU B 88 17.94 1.30 8.86
C LEU B 88 19.42 0.99 8.89
N PRO B 89 20.11 1.32 9.97
CA PRO B 89 21.54 1.06 10.05
C PRO B 89 21.80 -0.42 10.28
N LEU B 90 22.90 -0.91 9.72
CA LEU B 90 23.25 -2.32 9.84
C LEU B 90 24.07 -2.58 11.11
N SER B 91 23.61 -3.55 11.90
CA SER B 91 24.38 -3.94 13.07
C SER B 91 25.63 -4.72 12.67
N GLU B 92 26.68 -4.54 13.47
CA GLU B 92 27.90 -5.33 13.39
C GLU B 92 27.99 -6.34 14.52
N SER B 93 26.89 -6.62 15.20
CA SER B 93 26.91 -7.52 16.34
C SER B 93 27.37 -8.90 15.91
N PRO B 94 28.25 -9.55 16.69
CA PRO B 94 28.65 -10.93 16.37
C PRO B 94 27.60 -11.97 16.74
N PHE B 95 26.50 -11.57 17.37
CA PHE B 95 25.46 -12.49 17.81
C PHE B 95 24.32 -12.60 16.82
N ILE B 96 24.55 -12.15 15.59
CA ILE B 96 23.62 -12.34 14.49
C ILE B 96 24.11 -13.57 13.72
N SER B 97 23.24 -14.58 13.62
CA SER B 97 23.61 -15.82 12.96
C SER B 97 24.22 -15.51 11.60
N LYS B 98 25.32 -16.19 11.28
CA LYS B 98 26.10 -15.81 10.11
C LYS B 98 25.32 -15.98 8.82
N GLU B 99 24.35 -16.90 8.79
CA GLU B 99 23.62 -17.15 7.55
C GLU B 99 22.59 -16.07 7.24
N LEU B 100 22.29 -15.19 8.19
CA LEU B 100 21.26 -14.18 8.00
C LEU B 100 21.75 -13.00 7.16
N GLY B 101 20.83 -12.41 6.44
CA GLY B 101 21.11 -11.34 5.52
C GLY B 101 20.77 -9.97 6.06
N THR B 102 20.58 -9.06 5.12
CA THR B 102 20.59 -7.64 5.47
C THR B 102 19.37 -7.24 6.29
N ARG B 103 18.21 -7.87 6.08
CA ARG B 103 17.03 -7.47 6.84
C ARG B 103 17.27 -7.68 8.33
N HIS B 104 17.82 -8.84 8.71
CA HIS B 104 18.09 -9.11 10.13
C HIS B 104 19.14 -8.17 10.68
N ARG B 105 20.16 -7.85 9.89
CA ARG B 105 21.20 -6.96 10.37
C ARG B 105 20.69 -5.53 10.54
N ALA B 106 19.81 -5.09 9.63
CA ALA B 106 19.16 -3.78 9.75
C ALA B 106 18.27 -3.72 10.97
N ALA B 107 17.52 -4.80 11.22
CA ALA B 107 16.64 -4.82 12.39
C ALA B 107 17.44 -4.71 13.68
N VAL B 108 18.49 -5.53 13.82
CA VAL B 108 19.30 -5.42 15.02
C VAL B 108 19.91 -4.02 15.09
N GLY B 109 20.37 -3.49 13.96
CA GLY B 109 20.97 -2.15 13.93
C GLY B 109 20.07 -1.08 14.49
N ILE B 110 18.80 -1.03 14.04
CA ILE B 110 17.93 -0.01 14.58
C ILE B 110 17.63 -0.26 16.04
N SER B 111 17.60 -1.54 16.45
CA SER B 111 17.32 -1.86 17.84
C SER B 111 18.44 -1.45 18.78
N GLU B 112 19.64 -1.19 18.26
CA GLU B 112 20.76 -0.77 19.09
C GLU B 112 20.72 0.72 19.42
N VAL B 113 19.93 1.51 18.69
CA VAL B 113 19.94 2.96 18.83
C VAL B 113 18.56 3.51 19.08
N THR B 114 17.58 2.63 19.28
CA THR B 114 16.23 3.00 19.62
C THR B 114 15.65 1.93 20.53
N ASP B 115 14.52 2.24 21.15
CA ASP B 115 13.72 1.27 21.90
C ASP B 115 12.63 0.63 21.04
N SER B 116 12.78 0.68 19.72
CA SER B 116 11.76 0.14 18.83
C SER B 116 11.75 -1.39 18.89
N LEU B 117 10.66 -1.96 18.39
CA LEU B 117 10.56 -3.39 18.21
C LEU B 117 10.48 -3.65 16.71
N THR B 118 11.37 -4.50 16.19
CA THR B 118 11.35 -4.82 14.77
C THR B 118 11.06 -6.30 14.57
N ILE B 119 10.19 -6.60 13.62
CA ILE B 119 9.83 -7.96 13.24
C ILE B 119 10.45 -8.24 11.89
N ILE B 120 11.03 -9.43 11.72
CA ILE B 120 11.64 -9.85 10.48
C ILE B 120 11.04 -11.18 10.08
N VAL B 121 10.69 -11.31 8.81
CA VAL B 121 10.34 -12.61 8.21
C VAL B 121 11.47 -12.98 7.26
N SER B 122 12.02 -14.18 7.44
CA SER B 122 13.07 -14.66 6.55
C SER B 122 12.49 -15.14 5.23
N GLU B 123 13.04 -14.64 4.11
CA GLU B 123 12.65 -15.15 2.80
C GLU B 123 13.24 -16.52 2.51
N GLU B 124 14.20 -16.97 3.32
CA GLU B 124 14.81 -18.28 3.13
C GLU B 124 13.99 -19.36 3.81
N THR B 125 13.60 -19.13 5.06
CA THR B 125 12.97 -20.17 5.85
C THR B 125 11.54 -19.87 6.25
N GLY B 126 11.09 -18.62 6.12
CA GLY B 126 9.82 -18.24 6.69
C GLY B 126 9.84 -18.00 8.18
N GLY B 127 10.99 -18.20 8.85
CA GLY B 127 11.04 -17.97 10.27
C GLY B 127 10.82 -16.52 10.61
N VAL B 128 10.25 -16.30 11.77
CA VAL B 128 9.92 -14.97 12.28
C VAL B 128 10.82 -14.66 13.45
N SER B 129 11.41 -13.47 13.44
CA SER B 129 12.28 -13.07 14.52
C SER B 129 11.93 -11.64 14.92
N VAL B 130 12.39 -11.26 16.12
CA VAL B 130 12.22 -9.90 16.63
C VAL B 130 13.56 -9.36 17.12
N ALA B 131 13.84 -8.11 16.81
CA ALA B 131 15.00 -7.40 17.32
C ALA B 131 14.55 -6.33 18.29
N LYS B 132 15.14 -6.32 19.47
CA LYS B 132 14.86 -5.33 20.49
C LYS B 132 16.10 -5.18 21.35
N ASN B 133 16.51 -3.95 21.59
CA ASN B 133 17.60 -3.64 22.52
C ASN B 133 18.88 -4.37 22.16
N GLY B 134 19.13 -4.53 20.86
CA GLY B 134 20.36 -5.10 20.39
C GLY B 134 20.39 -6.62 20.31
N ASP B 135 19.31 -7.28 20.69
CA ASP B 135 19.21 -8.74 20.68
C ASP B 135 18.23 -9.19 19.61
N LEU B 136 18.58 -10.28 18.95
CA LEU B 136 17.70 -10.94 17.98
C LEU B 136 17.16 -12.23 18.58
N HIS B 137 15.86 -12.40 18.59
CA HIS B 137 15.17 -13.60 19.05
C HIS B 137 14.51 -14.27 17.86
N ARG B 138 14.93 -15.49 17.55
CA ARG B 138 14.55 -16.13 16.29
C ARG B 138 13.48 -17.20 16.49
N GLU B 139 12.93 -17.66 15.36
CA GLU B 139 12.06 -18.82 15.29
C GLU B 139 10.87 -18.70 16.24
N LEU B 140 10.23 -17.54 16.22
CA LEU B 140 9.10 -17.30 17.10
C LEU B 140 7.85 -18.00 16.62
N THR B 141 7.11 -18.59 17.55
CA THR B 141 5.77 -19.07 17.26
C THR B 141 4.82 -17.89 17.09
N GLU B 142 3.66 -18.15 16.49
CA GLU B 142 2.67 -17.09 16.37
C GLU B 142 2.29 -16.56 17.74
N GLU B 143 2.12 -17.46 18.71
CA GLU B 143 1.72 -17.03 20.04
C GLU B 143 2.78 -16.15 20.69
N ALA B 144 4.05 -16.52 20.53
CA ALA B 144 5.13 -15.73 21.12
C ALA B 144 5.18 -14.34 20.53
N LEU B 145 5.01 -14.23 19.20
CA LEU B 145 5.03 -12.90 18.60
C LEU B 145 3.89 -12.05 19.15
N LYS B 146 2.68 -12.62 19.19
CA LYS B 146 1.54 -11.85 19.67
C LYS B 146 1.75 -11.38 21.11
N GLU B 147 2.26 -12.27 21.97
CA GLU B 147 2.50 -11.87 23.34
C GLU B 147 3.55 -10.76 23.42
N MET B 148 4.60 -10.85 22.59
CA MET B 148 5.62 -9.80 22.60
C MET B 148 5.02 -8.46 22.20
N LEU B 149 4.13 -8.47 21.20
CA LEU B 149 3.50 -7.24 20.76
C LEU B 149 2.57 -6.69 21.82
N GLU B 150 1.77 -7.56 22.44
CA GLU B 150 0.87 -7.10 23.50
C GLU B 150 1.65 -6.50 24.65
N ALA B 151 2.80 -7.10 24.99
CA ALA B 151 3.62 -6.56 26.08
C ALA B 151 4.24 -5.24 25.69
N GLU B 152 4.56 -5.07 24.40
CA GLU B 152 5.16 -3.85 23.90
C GLU B 152 4.14 -2.72 23.97
#